data_5HXS
#
_entry.id   5HXS
#
_cell.length_a   49.516
_cell.length_b   72.353
_cell.length_c   96.000
_cell.angle_alpha   90.000
_cell.angle_beta   90.000
_cell.angle_gamma   90.000
#
_symmetry.space_group_name_H-M   'P 21 21 21'
#
loop_
_entity.id
_entity.type
_entity.pdbx_description
1 polymer 'sodium,calcium exchanger'
2 non-polymer 'STRONTIUM ION'
3 non-polymer PENTADECANE
4 non-polymer 2-[2-(2-METHOXY-ETHOXY)-ETHOXY]-ETHOXYL
5 non-polymer '(2R)-2,3-dihydroxypropyl (9Z)-octadec-9-enoate'
6 water water
#
_entity_poly.entity_id   1
_entity_poly.type   'polypeptide(L)'
_entity_poly.pdbx_seq_one_letter_code
;MVILGVGYFLLGLILLYYGSDWFVLGSERIARHFNVSNFVIGATVMAIGTSLPEILTSAYASYMHAPGISIGNAIGSCIC
NIGLVLGLSAIISPIIVDKNLQKNILVYLLFVIFAAVIGIDGFSWIDGVVLLILFIIYLRWTVKNGSAEIEENNDKNNPS
VVFSLVLLIIGLIGVLVGAELFVDGAKKIALALDISDKVIGFTLVAFGTSLPELMVSLAAAKRNLGGMVLGNVIGSNIAD
IGGALAVGSLFMHLPAENVQMAVLVIMSLLLYLFAKYSKIGRWQGILFLALYIIAIASLR
;
_entity_poly.pdbx_strand_id   A
#
loop_
_chem_comp.id
_chem_comp.type
_chem_comp.name
_chem_comp.formula
MYS non-polymer PENTADECANE 'C15 H32'
OLC non-polymer '(2R)-2,3-dihydroxypropyl (9Z)-octadec-9-enoate' 'C21 H40 O4'
SR non-polymer 'STRONTIUM ION' 'Sr 2'
TOE non-polymer 2-[2-(2-METHOXY-ETHOXY)-ETHOXY]-ETHOXYL 'C7 H16 O4'
#
# COMPACT_ATOMS: atom_id res chain seq x y z
N MET A 1 -2.08 13.12 -30.24
CA MET A 1 -1.84 12.20 -29.13
C MET A 1 -2.24 12.80 -27.78
N VAL A 2 -2.06 14.12 -27.64
CA VAL A 2 -2.53 14.85 -26.44
C VAL A 2 -4.02 14.71 -26.18
N ILE A 3 -4.81 14.54 -27.24
CA ILE A 3 -6.25 14.45 -27.10
C ILE A 3 -6.65 13.20 -26.33
N LEU A 4 -6.08 12.05 -26.71
CA LEU A 4 -6.37 10.81 -26.02
C LEU A 4 -5.60 10.73 -24.71
N GLY A 5 -4.68 11.65 -24.51
CA GLY A 5 -3.96 11.76 -23.25
C GLY A 5 -4.85 12.37 -22.19
N VAL A 6 -5.55 13.44 -22.56
CA VAL A 6 -6.52 14.08 -21.67
C VAL A 6 -7.65 13.09 -21.37
N GLY A 7 -7.98 12.26 -22.36
CA GLY A 7 -9.00 11.24 -22.20
C GLY A 7 -8.63 10.19 -21.18
N TYR A 8 -7.53 9.47 -21.44
CA TYR A 8 -7.03 8.44 -20.53
C TYR A 8 -6.82 8.95 -19.12
N PHE A 9 -6.28 10.17 -19.01
CA PHE A 9 -5.97 10.78 -17.73
C PHE A 9 -7.22 11.02 -16.89
N LEU A 10 -8.17 11.77 -17.45
CA LEU A 10 -9.37 12.14 -16.73
C LEU A 10 -10.27 10.93 -16.46
N LEU A 11 -10.31 9.99 -17.40
CA LEU A 11 -11.11 8.78 -17.23
C LEU A 11 -10.58 7.94 -16.07
N GLY A 12 -9.27 7.85 -15.97
CA GLY A 12 -8.63 7.13 -14.88
C GLY A 12 -8.96 7.73 -13.53
N LEU A 13 -9.01 9.07 -13.49
CA LEU A 13 -9.38 9.78 -12.28
C LEU A 13 -10.81 9.46 -11.86
N ILE A 14 -11.70 9.40 -12.85
CA ILE A 14 -13.10 9.07 -12.60
C ILE A 14 -13.23 7.62 -12.14
N LEU A 15 -12.44 6.74 -12.74
CA LEU A 15 -12.43 5.33 -12.36
C LEU A 15 -11.78 5.12 -11.01
N LEU A 16 -10.86 6.02 -10.64
CA LEU A 16 -10.22 5.96 -9.33
C LEU A 16 -11.15 6.48 -8.25
N TYR A 17 -11.86 7.56 -8.56
CA TYR A 17 -12.75 8.22 -7.60
C TYR A 17 -13.92 7.32 -7.21
N TYR A 18 -14.60 6.78 -8.20
CA TYR A 18 -15.75 5.89 -7.95
C TYR A 18 -15.31 4.48 -7.60
N GLY A 19 -14.24 4.02 -8.25
CA GLY A 19 -13.72 2.69 -8.00
C GLY A 19 -13.26 2.48 -6.57
N SER A 20 -12.65 3.51 -5.99
CA SER A 20 -12.16 3.43 -4.62
C SER A 20 -13.31 3.30 -3.63
N ASP A 21 -14.38 4.05 -3.89
CA ASP A 21 -15.53 4.04 -2.99
C ASP A 21 -16.21 2.68 -2.96
N TRP A 22 -16.45 2.10 -4.14
CA TRP A 22 -17.08 0.80 -4.24
C TRP A 22 -16.21 -0.29 -3.62
N PHE A 23 -14.91 -0.20 -3.87
CA PHE A 23 -13.94 -1.14 -3.30
C PHE A 23 -13.95 -1.05 -1.78
N VAL A 24 -14.08 0.16 -1.26
CA VAL A 24 -14.20 0.38 0.18
C VAL A 24 -15.51 -0.18 0.71
N LEU A 25 -16.61 0.14 0.03
CA LEU A 25 -17.94 -0.31 0.44
C LEU A 25 -18.05 -1.83 0.38
N GLY A 26 -17.50 -2.42 -0.68
CA GLY A 26 -17.54 -3.86 -0.86
C GLY A 26 -16.73 -4.59 0.20
N SER A 27 -15.57 -4.03 0.53
CA SER A 27 -14.69 -4.62 1.54
C SER A 27 -15.33 -4.53 2.93
N GLU A 28 -16.00 -3.42 3.19
CA GLU A 28 -16.65 -3.19 4.47
C GLU A 28 -17.79 -4.18 4.69
N ARG A 29 -18.47 -4.55 3.61
CA ARG A 29 -19.58 -5.49 3.67
C ARG A 29 -19.09 -6.93 3.85
N ILE A 30 -17.95 -7.24 3.23
CA ILE A 30 -17.35 -8.57 3.32
C ILE A 30 -16.84 -8.81 4.74
N ALA A 31 -16.28 -7.77 5.35
CA ALA A 31 -15.76 -7.86 6.71
C ALA A 31 -16.87 -8.19 7.72
N ARG A 32 -18.04 -7.58 7.51
CA ARG A 32 -19.20 -7.86 8.34
C ARG A 32 -19.73 -9.27 8.09
N HIS A 33 -19.55 -9.76 6.86
CA HIS A 33 -19.96 -11.10 6.50
C HIS A 33 -19.03 -12.14 7.14
N PHE A 34 -17.73 -11.86 7.11
CA PHE A 34 -16.73 -12.77 7.65
C PHE A 34 -16.54 -12.54 9.15
N ASN A 35 -17.21 -11.52 9.68
CA ASN A 35 -17.22 -11.32 11.12
C ASN A 35 -15.83 -11.01 11.65
N VAL A 36 -15.10 -10.29 10.81
CA VAL A 36 -13.78 -9.84 11.17
C VAL A 36 -13.80 -8.32 11.18
N SER A 37 -12.70 -7.72 11.62
CA SER A 37 -12.63 -6.26 11.70
C SER A 37 -12.24 -5.66 10.36
N ASN A 38 -12.57 -4.39 10.17
CA ASN A 38 -12.19 -3.65 8.97
C ASN A 38 -10.67 -3.62 8.79
N PHE A 39 -9.96 -3.65 9.91
CA PHE A 39 -8.49 -3.72 9.89
C PHE A 39 -8.05 -4.99 9.16
N VAL A 40 -8.68 -6.11 9.50
CA VAL A 40 -8.34 -7.40 8.92
C VAL A 40 -8.57 -7.40 7.40
N ILE A 41 -9.74 -6.96 6.98
CA ILE A 41 -10.07 -6.97 5.56
C ILE A 41 -9.19 -5.97 4.80
N GLY A 42 -8.71 -4.95 5.51
CA GLY A 42 -7.82 -3.96 4.93
C GLY A 42 -6.40 -4.49 4.87
N ALA A 43 -6.02 -5.27 5.87
CA ALA A 43 -4.69 -5.84 5.94
C ALA A 43 -4.51 -7.03 5.01
N THR A 44 -5.61 -7.65 4.62
CA THR A 44 -5.57 -8.83 3.78
C THR A 44 -5.98 -8.54 2.33
N VAL A 45 -7.28 -8.59 2.07
CA VAL A 45 -7.82 -8.45 0.73
C VAL A 45 -7.47 -7.11 0.07
N MET A 46 -7.77 -6.02 0.76
CA MET A 46 -7.51 -4.69 0.23
C MET A 46 -6.03 -4.46 -0.02
N ALA A 47 -5.21 -4.87 0.95
CA ALA A 47 -3.77 -4.70 0.86
C ALA A 47 -3.21 -5.42 -0.36
N ILE A 48 -3.52 -6.69 -0.49
CA ILE A 48 -3.04 -7.50 -1.62
C ILE A 48 -3.50 -6.94 -2.96
N GLY A 49 -4.78 -6.55 -3.03
CA GLY A 49 -5.33 -5.99 -4.25
C GLY A 49 -4.67 -4.69 -4.66
N THR A 50 -4.36 -3.84 -3.70
CA THR A 50 -3.75 -2.55 -3.97
C THR A 50 -2.22 -2.63 -3.99
N SER A 51 -1.69 -3.83 -3.81
CA SER A 51 -0.25 -4.04 -3.89
C SER A 51 0.11 -4.84 -5.13
N LEU A 52 -0.91 -5.25 -5.87
CA LEU A 52 -0.72 -5.90 -7.18
C LEU A 52 0.16 -5.08 -8.14
N PRO A 53 0.00 -3.74 -8.18
CA PRO A 53 0.91 -2.96 -9.02
C PRO A 53 2.38 -3.15 -8.67
N GLU A 54 2.75 -3.01 -7.39
CA GLU A 54 4.15 -3.15 -6.98
C GLU A 54 4.70 -4.55 -7.22
N ILE A 55 3.89 -5.57 -7.01
CA ILE A 55 4.31 -6.94 -7.23
C ILE A 55 4.67 -7.16 -8.70
N LEU A 56 3.80 -6.70 -9.60
CA LEU A 56 4.02 -6.88 -11.02
C LEU A 56 5.13 -5.96 -11.54
N THR A 57 5.21 -4.77 -10.96
CA THR A 57 6.19 -3.78 -11.38
C THR A 57 7.63 -4.24 -11.10
N SER A 58 7.86 -4.70 -9.88
CA SER A 58 9.21 -5.08 -9.45
C SER A 58 9.59 -6.48 -9.92
N ALA A 59 8.58 -7.32 -10.19
CA ALA A 59 8.85 -8.62 -10.80
C ALA A 59 9.40 -8.40 -12.20
N TYR A 60 8.73 -7.52 -12.93
CA TYR A 60 9.13 -7.15 -14.29
C TYR A 60 10.47 -6.41 -14.29
N ALA A 61 10.64 -5.50 -13.33
CA ALA A 61 11.86 -4.69 -13.25
C ALA A 61 13.09 -5.55 -12.99
N SER A 62 13.03 -6.36 -11.94
CA SER A 62 14.15 -7.23 -11.59
C SER A 62 14.40 -8.28 -12.67
N TYR A 63 13.34 -8.64 -13.40
CA TYR A 63 13.49 -9.57 -14.51
C TYR A 63 14.17 -8.89 -15.70
N MET A 64 13.88 -7.61 -15.88
CA MET A 64 14.48 -6.83 -16.97
C MET A 64 15.79 -6.18 -16.55
N HIS A 65 16.45 -6.77 -15.56
CA HIS A 65 17.76 -6.35 -15.10
C HIS A 65 17.79 -4.91 -14.59
N ALA A 66 16.71 -4.52 -13.93
CA ALA A 66 16.65 -3.23 -13.23
C ALA A 66 16.21 -3.43 -11.78
N PRO A 67 17.05 -4.11 -10.98
CA PRO A 67 16.68 -4.42 -9.59
C PRO A 67 16.66 -3.18 -8.70
N GLY A 68 17.31 -2.12 -9.15
CA GLY A 68 17.29 -0.86 -8.44
C GLY A 68 15.88 -0.29 -8.40
N ILE A 69 15.20 -0.35 -9.54
CA ILE A 69 13.80 0.05 -9.63
C ILE A 69 12.95 -0.85 -8.73
N SER A 70 13.22 -2.15 -8.80
CA SER A 70 12.51 -3.16 -8.05
C SER A 70 12.42 -2.85 -6.55
N ILE A 71 13.57 -2.77 -5.90
CA ILE A 71 13.63 -2.48 -4.47
C ILE A 71 13.22 -1.04 -4.19
N GLY A 72 13.50 -0.15 -5.14
CA GLY A 72 13.15 1.25 -5.00
C GLY A 72 11.64 1.47 -4.96
N ASN A 73 10.92 0.78 -5.83
CA ASN A 73 9.47 0.90 -5.91
C ASN A 73 8.79 0.28 -4.68
N ALA A 74 9.34 -0.83 -4.20
CA ALA A 74 8.79 -1.52 -3.03
C ALA A 74 8.98 -0.68 -1.76
N ILE A 75 10.19 -0.17 -1.58
CA ILE A 75 10.49 0.65 -0.41
C ILE A 75 9.81 2.01 -0.49
N GLY A 76 9.85 2.62 -1.68
CA GLY A 76 9.22 3.91 -1.88
C GLY A 76 7.75 3.91 -1.56
N SER A 77 7.08 2.81 -1.89
CA SER A 77 5.65 2.68 -1.63
C SER A 77 5.38 2.59 -0.13
N CYS A 78 6.21 1.84 0.57
CA CYS A 78 6.05 1.68 2.01
C CYS A 78 6.13 3.02 2.73
N ILE A 79 7.04 3.87 2.29
CA ILE A 79 7.21 5.20 2.88
C ILE A 79 6.05 6.12 2.52
N CYS A 80 5.52 5.94 1.31
CA CYS A 80 4.41 6.76 0.83
C CYS A 80 3.12 6.40 1.57
N ASN A 81 2.95 5.12 1.87
CA ASN A 81 1.77 4.64 2.57
C ASN A 81 1.64 5.25 3.96
N ILE A 82 2.75 5.29 4.69
CA ILE A 82 2.77 5.85 6.04
C ILE A 82 2.80 7.37 5.99
N GLY A 83 3.65 7.91 5.11
CA GLY A 83 3.81 9.34 4.98
C GLY A 83 2.60 10.06 4.42
N LEU A 84 2.32 9.83 3.14
CA LEU A 84 1.24 10.51 2.46
C LEU A 84 -0.13 9.91 2.76
N VAL A 85 -0.29 8.62 2.46
CA VAL A 85 -1.57 7.95 2.58
C VAL A 85 -2.14 7.98 3.99
N LEU A 86 -1.38 7.44 4.94
CA LEU A 86 -1.83 7.41 6.34
C LEU A 86 -1.83 8.81 6.95
N GLY A 87 -0.96 9.68 6.45
CA GLY A 87 -0.88 11.04 6.92
C GLY A 87 -2.16 11.82 6.66
N LEU A 88 -2.67 11.71 5.43
CA LEU A 88 -3.89 12.41 5.06
C LEU A 88 -5.11 11.83 5.78
N SER A 89 -5.12 10.51 5.95
CA SER A 89 -6.26 9.82 6.56
C SER A 89 -6.41 10.14 8.04
N ALA A 90 -5.28 10.18 8.75
CA ALA A 90 -5.29 10.49 10.18
C ALA A 90 -5.85 11.88 10.43
N ILE A 91 -5.58 12.79 9.51
CA ILE A 91 -6.09 14.15 9.60
C ILE A 91 -7.58 14.21 9.28
N ILE A 92 -7.99 13.55 8.20
CA ILE A 92 -9.39 13.50 7.81
C ILE A 92 -10.24 12.77 8.85
N SER A 93 -9.77 11.60 9.28
CA SER A 93 -10.49 10.84 10.30
C SER A 93 -9.52 10.21 11.30
N PRO A 94 -9.28 10.92 12.42
CA PRO A 94 -8.39 10.44 13.50
C PRO A 94 -8.82 9.07 14.01
N ILE A 95 -7.88 8.32 14.57
CA ILE A 95 -8.19 6.97 15.02
C ILE A 95 -7.53 6.62 16.35
N ILE A 96 -8.25 5.86 17.16
CA ILE A 96 -7.71 5.30 18.39
C ILE A 96 -7.55 3.79 18.19
N VAL A 97 -6.33 3.29 18.37
CA VAL A 97 -6.02 1.90 18.11
C VAL A 97 -6.24 1.03 19.34
N ASP A 98 -7.11 0.04 19.23
CA ASP A 98 -7.34 -0.90 20.32
C ASP A 98 -6.15 -1.85 20.42
N LYS A 99 -5.99 -2.47 21.60
CA LYS A 99 -4.80 -3.24 21.90
C LYS A 99 -4.69 -4.56 21.13
N ASN A 100 -5.79 -5.00 20.53
CA ASN A 100 -5.74 -6.17 19.65
C ASN A 100 -5.02 -5.81 18.36
N LEU A 101 -5.10 -4.54 17.98
CA LEU A 101 -4.49 -4.05 16.75
C LEU A 101 -3.06 -3.56 16.99
N GLN A 102 -2.79 -3.13 18.23
CA GLN A 102 -1.45 -2.69 18.61
C GLN A 102 -0.46 -3.84 18.50
N LYS A 103 -0.91 -5.03 18.89
CA LYS A 103 -0.11 -6.24 18.76
C LYS A 103 0.20 -6.52 17.30
N ASN A 104 -0.76 -6.22 16.43
CA ASN A 104 -0.58 -6.42 14.99
C ASN A 104 0.42 -5.44 14.40
N ILE A 105 0.36 -4.19 14.87
CA ILE A 105 1.27 -3.16 14.39
C ILE A 105 2.69 -3.40 14.92
N LEU A 106 2.79 -3.97 16.11
CA LEU A 106 4.09 -4.31 16.69
C LEU A 106 4.76 -5.41 15.85
N VAL A 107 3.98 -6.36 15.38
CA VAL A 107 4.47 -7.42 14.52
C VAL A 107 4.97 -6.82 13.21
N TYR A 108 4.22 -5.85 12.69
CA TYR A 108 4.62 -5.13 11.49
C TYR A 108 5.99 -4.47 11.68
N LEU A 109 6.19 -3.87 12.85
CA LEU A 109 7.44 -3.19 13.16
C LEU A 109 8.61 -4.16 13.20
N LEU A 110 8.40 -5.29 13.88
CA LEU A 110 9.42 -6.33 13.97
C LEU A 110 9.74 -6.87 12.58
N PHE A 111 8.72 -6.99 11.75
CA PHE A 111 8.88 -7.47 10.38
C PHE A 111 9.79 -6.56 9.58
N VAL A 112 9.50 -5.26 9.61
CA VAL A 112 10.28 -4.27 8.87
C VAL A 112 11.72 -4.23 9.35
N ILE A 113 11.90 -4.24 10.67
CA ILE A 113 13.24 -4.24 11.27
C ILE A 113 14.02 -5.45 10.79
N PHE A 114 13.37 -6.61 10.74
CA PHE A 114 14.00 -7.82 10.22
C PHE A 114 14.41 -7.66 8.78
N ALA A 115 13.51 -7.07 7.98
CA ALA A 115 13.77 -6.85 6.56
C ALA A 115 14.93 -5.89 6.36
N ALA A 116 15.02 -4.90 7.25
CA ALA A 116 16.07 -3.89 7.17
C ALA A 116 17.45 -4.47 7.49
N VAL A 117 17.49 -5.40 8.43
CA VAL A 117 18.76 -5.98 8.87
C VAL A 117 19.34 -6.95 7.84
N ILE A 118 18.51 -7.84 7.31
CA ILE A 118 18.98 -8.82 6.33
C ILE A 118 19.18 -8.17 4.96
N GLY A 119 18.77 -6.90 4.84
CA GLY A 119 18.89 -6.18 3.60
C GLY A 119 20.05 -5.22 3.57
N ILE A 120 20.79 -5.14 4.68
CA ILE A 120 21.97 -4.28 4.78
C ILE A 120 22.99 -4.62 3.69
N ASP A 121 23.15 -5.91 3.43
CA ASP A 121 24.04 -6.39 2.37
C ASP A 121 23.31 -6.47 1.03
N GLY A 122 22.03 -6.14 1.04
CA GLY A 122 21.18 -6.31 -0.13
C GLY A 122 20.17 -7.42 0.10
N PHE A 123 19.44 -7.80 -0.94
CA PHE A 123 18.42 -8.84 -0.80
C PHE A 123 18.64 -9.99 -1.79
N SER A 124 19.12 -11.11 -1.26
CA SER A 124 19.31 -12.31 -2.06
C SER A 124 17.98 -13.01 -2.29
N TRP A 125 17.99 -14.00 -3.18
CA TRP A 125 16.77 -14.75 -3.47
C TRP A 125 16.31 -15.53 -2.24
N ILE A 126 17.26 -15.95 -1.41
CA ILE A 126 16.94 -16.64 -0.17
C ILE A 126 16.19 -15.70 0.77
N ASP A 127 16.63 -14.46 0.85
CA ASP A 127 15.96 -13.44 1.65
C ASP A 127 14.50 -13.28 1.25
N GLY A 128 14.26 -13.23 -0.06
CA GLY A 128 12.91 -13.12 -0.59
C GLY A 128 12.05 -14.30 -0.20
N VAL A 129 12.61 -15.50 -0.25
CA VAL A 129 11.91 -16.70 0.16
C VAL A 129 11.51 -16.60 1.63
N VAL A 130 12.43 -16.09 2.45
CA VAL A 130 12.18 -15.93 3.88
C VAL A 130 11.09 -14.88 4.13
N LEU A 131 11.23 -13.72 3.49
CA LEU A 131 10.28 -12.63 3.65
C LEU A 131 8.89 -13.00 3.13
N LEU A 132 8.84 -13.80 2.08
CA LEU A 132 7.57 -14.22 1.49
C LEU A 132 6.81 -15.16 2.41
N ILE A 133 7.53 -16.00 3.14
CA ILE A 133 6.92 -16.94 4.07
C ILE A 133 6.32 -16.19 5.27
N LEU A 134 7.07 -15.23 5.79
CA LEU A 134 6.59 -14.39 6.89
C LEU A 134 5.36 -13.60 6.46
N PHE A 135 5.34 -13.19 5.20
CA PHE A 135 4.18 -12.53 4.60
C PHE A 135 2.95 -13.43 4.71
N ILE A 136 3.13 -14.71 4.35
CA ILE A 136 2.05 -15.69 4.41
C ILE A 136 1.61 -15.92 5.86
N ILE A 137 2.57 -16.09 6.77
CA ILE A 137 2.28 -16.30 8.17
C ILE A 137 1.52 -15.11 8.75
N TYR A 138 1.96 -13.90 8.42
CA TYR A 138 1.30 -12.69 8.88
C TYR A 138 -0.17 -12.65 8.47
N LEU A 139 -0.43 -12.97 7.21
CA LEU A 139 -1.79 -12.97 6.67
C LEU A 139 -2.70 -13.92 7.47
N ARG A 140 -2.24 -15.16 7.62
CA ARG A 140 -2.99 -16.16 8.37
C ARG A 140 -3.15 -15.76 9.83
N TRP A 141 -2.08 -15.20 10.40
CA TRP A 141 -2.10 -14.77 11.79
C TRP A 141 -3.03 -13.59 11.99
N THR A 142 -3.05 -12.68 11.02
CA THR A 142 -3.92 -11.50 11.07
C THR A 142 -5.38 -11.90 11.00
N VAL A 143 -5.69 -12.84 10.11
CA VAL A 143 -7.06 -13.32 9.96
C VAL A 143 -7.57 -14.02 11.21
N LYS A 144 -6.73 -14.83 11.84
CA LYS A 144 -7.16 -15.72 12.92
C LYS A 144 -7.31 -15.07 14.30
N ASN A 145 -6.59 -14.00 14.56
CA ASN A 145 -6.78 -13.27 15.82
C ASN A 145 -7.77 -12.13 15.64
N GLY A 146 -8.00 -11.76 14.38
CA GLY A 146 -9.04 -10.81 14.06
C GLY A 146 -10.30 -11.55 13.65
N SER A 147 -10.34 -12.84 13.97
CA SER A 147 -11.49 -13.67 13.62
C SER A 147 -12.39 -13.93 14.81
N ALA A 148 -13.64 -13.49 14.70
CA ALA A 148 -14.68 -13.90 15.62
C ALA A 148 -15.68 -14.69 14.79
N GLU A 149 -15.18 -15.63 14.00
CA GLU A 149 -16.02 -16.30 13.00
C GLU A 149 -16.90 -17.37 13.62
N ILE A 150 -18.10 -17.53 13.08
CA ILE A 150 -19.17 -18.16 13.81
C ILE A 150 -20.10 -18.95 12.90
N GLU A 151 -20.33 -18.46 11.68
CA GLU A 151 -21.51 -18.90 10.90
C GLU A 151 -21.48 -20.32 10.31
N GLU A 152 -22.46 -20.55 9.46
CA GLU A 152 -22.72 -21.87 8.91
C GLU A 152 -22.49 -21.91 7.41
N ASN A 153 -23.13 -20.99 6.69
CA ASN A 153 -23.16 -21.04 5.23
C ASN A 153 -23.70 -22.38 4.76
N ASN A 158 -26.41 -15.45 0.64
CA ASN A 158 -26.34 -15.83 -0.77
C ASN A 158 -26.50 -14.63 -1.72
N PRO A 159 -27.54 -13.79 -1.51
CA PRO A 159 -27.64 -12.66 -2.45
C PRO A 159 -26.93 -11.40 -1.97
N SER A 160 -26.78 -11.25 -0.66
CA SER A 160 -26.20 -10.05 -0.09
C SER A 160 -24.67 -10.11 -0.12
N VAL A 161 -24.14 -11.32 -0.21
CA VAL A 161 -22.70 -11.53 -0.32
C VAL A 161 -22.26 -11.33 -1.77
N VAL A 162 -23.10 -11.78 -2.69
CA VAL A 162 -22.83 -11.64 -4.12
C VAL A 162 -22.67 -10.17 -4.52
N PHE A 163 -23.59 -9.34 -4.06
CA PHE A 163 -23.54 -7.91 -4.36
C PHE A 163 -22.30 -7.28 -3.73
N SER A 164 -21.92 -7.79 -2.57
CA SER A 164 -20.73 -7.29 -1.88
C SER A 164 -19.47 -7.63 -2.65
N LEU A 165 -19.32 -8.89 -3.01
CA LEU A 165 -18.13 -9.36 -3.72
C LEU A 165 -18.02 -8.70 -5.10
N VAL A 166 -19.16 -8.54 -5.77
CA VAL A 166 -19.20 -7.84 -7.05
C VAL A 166 -18.74 -6.39 -6.89
N LEU A 167 -19.27 -5.73 -5.87
CA LEU A 167 -18.92 -4.34 -5.57
C LEU A 167 -17.42 -4.19 -5.26
N LEU A 168 -16.89 -5.15 -4.51
CA LEU A 168 -15.46 -5.14 -4.15
C LEU A 168 -14.58 -5.35 -5.39
N ILE A 169 -14.84 -6.44 -6.11
CA ILE A 169 -14.04 -6.81 -7.27
C ILE A 169 -14.05 -5.73 -8.36
N ILE A 170 -15.24 -5.24 -8.70
CA ILE A 170 -15.37 -4.19 -9.71
C ILE A 170 -14.69 -2.91 -9.22
N GLY A 171 -14.85 -2.62 -7.93
CA GLY A 171 -14.19 -1.48 -7.33
C GLY A 171 -12.68 -1.60 -7.41
N LEU A 172 -12.18 -2.82 -7.28
CA LEU A 172 -10.75 -3.09 -7.40
C LEU A 172 -10.29 -2.96 -8.85
N ILE A 173 -11.08 -3.51 -9.77
CA ILE A 173 -10.80 -3.37 -11.20
C ILE A 173 -10.81 -1.89 -11.57
N GLY A 174 -11.73 -1.15 -10.96
CA GLY A 174 -11.84 0.28 -11.17
C GLY A 174 -10.58 1.06 -10.79
N VAL A 175 -10.02 0.78 -9.63
CA VAL A 175 -8.85 1.53 -9.15
C VAL A 175 -7.56 1.07 -9.83
N LEU A 176 -7.44 -0.22 -10.12
CA LEU A 176 -6.24 -0.74 -10.79
C LEU A 176 -6.16 -0.24 -12.23
N VAL A 177 -7.25 -0.35 -12.95
CA VAL A 177 -7.32 0.15 -14.33
C VAL A 177 -7.27 1.67 -14.33
N GLY A 178 -8.00 2.29 -13.42
CA GLY A 178 -8.01 3.73 -13.28
C GLY A 178 -6.65 4.32 -12.98
N ALA A 179 -5.83 3.58 -12.22
CA ALA A 179 -4.50 4.05 -11.85
C ALA A 179 -3.53 3.97 -13.04
N GLU A 180 -3.67 2.92 -13.85
CA GLU A 180 -2.77 2.73 -14.98
C GLU A 180 -3.20 3.57 -16.18
N LEU A 181 -4.49 3.90 -16.25
CA LEU A 181 -4.98 4.86 -17.23
C LEU A 181 -4.44 6.24 -16.91
N PHE A 182 -4.39 6.56 -15.61
CA PHE A 182 -3.82 7.80 -15.11
C PHE A 182 -2.37 7.94 -15.56
N VAL A 183 -1.62 6.85 -15.45
CA VAL A 183 -0.20 6.85 -15.82
C VAL A 183 -0.03 6.85 -17.33
N ASP A 184 -0.82 6.02 -18.01
CA ASP A 184 -0.81 5.96 -19.47
C ASP A 184 -1.12 7.34 -20.04
N GLY A 185 -2.17 7.96 -19.51
CA GLY A 185 -2.61 9.27 -19.96
C GLY A 185 -1.59 10.37 -19.68
N ALA A 186 -0.99 10.34 -18.50
CA ALA A 186 0.02 11.31 -18.13
C ALA A 186 1.27 11.17 -19.00
N LYS A 187 1.65 9.93 -19.28
CA LYS A 187 2.80 9.65 -20.12
C LYS A 187 2.58 10.13 -21.55
N LYS A 188 1.35 9.96 -22.03
CA LYS A 188 0.99 10.30 -23.40
C LYS A 188 1.01 11.82 -23.61
N ILE A 189 0.59 12.55 -22.59
CA ILE A 189 0.64 14.02 -22.62
C ILE A 189 2.08 14.49 -22.44
N ALA A 190 2.89 13.65 -21.79
CA ALA A 190 4.28 13.98 -21.47
C ALA A 190 5.22 13.86 -22.67
N LEU A 191 4.90 12.97 -23.60
CA LEU A 191 5.74 12.80 -24.79
C LEU A 191 5.24 13.60 -25.98
N ALA A 192 3.95 13.91 -26.00
CA ALA A 192 3.38 14.67 -27.10
C ALA A 192 3.72 16.15 -26.93
N LEU A 193 4.00 16.56 -25.70
CA LEU A 193 4.51 17.91 -25.44
C LEU A 193 6.03 17.90 -25.35
N ASP A 194 6.61 16.71 -25.47
CA ASP A 194 8.06 16.50 -25.40
C ASP A 194 8.63 17.07 -24.10
N ILE A 195 8.17 16.53 -22.97
CA ILE A 195 8.69 16.90 -21.66
C ILE A 195 9.08 15.64 -20.89
N SER A 196 9.41 14.60 -21.62
CA SER A 196 9.72 13.30 -21.03
C SER A 196 11.14 13.22 -20.49
N ASP A 197 11.25 12.69 -19.27
CA ASP A 197 12.55 12.41 -18.67
C ASP A 197 12.50 10.98 -18.15
N LYS A 198 13.58 10.23 -18.36
CA LYS A 198 13.55 8.80 -18.05
C LYS A 198 13.44 8.50 -16.56
N VAL A 199 13.74 9.48 -15.71
CA VAL A 199 13.61 9.29 -14.27
C VAL A 199 12.28 9.87 -13.76
N ILE A 200 11.70 10.84 -14.48
CA ILE A 200 10.38 11.34 -14.12
C ILE A 200 9.40 10.28 -14.60
N GLY A 201 9.79 9.57 -15.65
CA GLY A 201 8.98 8.52 -16.22
C GLY A 201 8.88 7.36 -15.25
N PHE A 202 9.84 7.29 -14.33
CA PHE A 202 9.82 6.33 -13.25
C PHE A 202 9.00 6.86 -12.08
N THR A 203 8.97 8.18 -11.93
CA THR A 203 8.31 8.82 -10.79
C THR A 203 6.78 8.75 -10.91
N LEU A 204 6.29 8.70 -12.15
CA LEU A 204 4.84 8.62 -12.37
C LEU A 204 4.32 7.20 -12.09
N VAL A 205 5.08 6.20 -12.51
CA VAL A 205 4.73 4.81 -12.20
C VAL A 205 5.04 4.49 -10.74
N ALA A 206 6.02 5.20 -10.17
CA ALA A 206 6.32 5.06 -8.75
C ALA A 206 5.12 5.55 -7.94
N PHE A 207 4.63 6.74 -8.29
CA PHE A 207 3.45 7.29 -7.65
C PHE A 207 2.20 6.54 -8.08
N GLY A 208 2.25 5.94 -9.26
CA GLY A 208 1.12 5.23 -9.82
C GLY A 208 0.73 3.97 -9.07
N THR A 209 1.72 3.25 -8.54
CA THR A 209 1.46 2.01 -7.81
C THR A 209 0.98 2.30 -6.38
N SER A 210 0.93 3.59 -6.04
CA SER A 210 0.48 4.02 -4.72
C SER A 210 -0.89 4.68 -4.81
N LEU A 211 -1.30 5.00 -6.04
CA LEU A 211 -2.63 5.57 -6.28
C LEU A 211 -3.78 4.70 -5.75
N PRO A 212 -3.71 3.36 -5.92
CA PRO A 212 -4.74 2.54 -5.28
C PRO A 212 -4.87 2.80 -3.79
N GLU A 213 -3.82 2.56 -3.00
CA GLU A 213 -3.89 2.76 -1.56
C GLU A 213 -4.27 4.19 -1.20
N LEU A 214 -3.80 5.14 -2.00
CA LEU A 214 -4.09 6.56 -1.75
C LEU A 214 -5.59 6.82 -1.85
N MET A 215 -6.15 6.57 -3.04
CA MET A 215 -7.56 6.82 -3.29
C MET A 215 -8.47 5.97 -2.40
N VAL A 216 -8.09 4.71 -2.20
CA VAL A 216 -8.88 3.80 -1.38
C VAL A 216 -8.94 4.28 0.07
N SER A 217 -7.81 4.72 0.60
CA SER A 217 -7.74 5.20 1.98
C SER A 217 -8.50 6.50 2.15
N LEU A 218 -8.47 7.36 1.13
CA LEU A 218 -9.19 8.62 1.17
C LEU A 218 -10.69 8.38 1.22
N ALA A 219 -11.14 7.34 0.51
CA ALA A 219 -12.55 6.98 0.48
C ALA A 219 -13.01 6.44 1.83
N ALA A 220 -12.19 5.58 2.42
CA ALA A 220 -12.50 4.98 3.71
C ALA A 220 -12.43 6.01 4.83
N ALA A 221 -11.50 6.96 4.71
CA ALA A 221 -11.33 8.00 5.70
C ALA A 221 -12.56 8.91 5.77
N LYS A 222 -13.11 9.24 4.60
CA LYS A 222 -14.27 10.12 4.53
C LYS A 222 -15.56 9.43 4.97
N ARG A 223 -15.45 8.14 5.27
CA ARG A 223 -16.56 7.39 5.84
C ARG A 223 -16.21 6.92 7.25
N ASN A 224 -15.20 7.58 7.83
CA ASN A 224 -14.74 7.28 9.19
C ASN A 224 -14.32 5.83 9.38
N LEU A 225 -13.71 5.25 8.35
CA LEU A 225 -13.21 3.88 8.43
C LEU A 225 -11.69 3.87 8.56
N GLY A 226 -11.19 4.61 9.55
CA GLY A 226 -9.77 4.73 9.78
C GLY A 226 -9.08 3.40 10.02
N GLY A 227 -9.75 2.50 10.73
CA GLY A 227 -9.22 1.18 11.00
C GLY A 227 -8.98 0.38 9.74
N MET A 228 -9.82 0.62 8.73
CA MET A 228 -9.65 0.00 7.42
C MET A 228 -8.45 0.59 6.69
N VAL A 229 -8.30 1.91 6.79
CA VAL A 229 -7.15 2.59 6.22
C VAL A 229 -5.86 2.11 6.88
N LEU A 230 -5.90 1.99 8.19
CA LEU A 230 -4.75 1.54 8.98
C LEU A 230 -4.30 0.15 8.56
N GLY A 231 -5.25 -0.77 8.46
CA GLY A 231 -4.96 -2.11 8.01
C GLY A 231 -4.44 -2.12 6.59
N ASN A 232 -4.98 -1.24 5.76
CA ASN A 232 -4.55 -1.14 4.37
C ASN A 232 -3.10 -0.67 4.27
N VAL A 233 -2.72 0.30 5.09
CA VAL A 233 -1.36 0.81 5.09
C VAL A 233 -0.38 -0.23 5.63
N ILE A 234 -0.71 -0.83 6.76
CA ILE A 234 0.11 -1.88 7.37
C ILE A 234 0.25 -3.07 6.43
N GLY A 235 -0.87 -3.51 5.86
CA GLY A 235 -0.87 -4.66 4.97
C GLY A 235 -0.10 -4.42 3.69
N SER A 236 -0.23 -3.23 3.12
CA SER A 236 0.45 -2.90 1.86
C SER A 236 1.96 -2.87 2.03
N ASN A 237 2.43 -2.30 3.14
CA ASN A 237 3.86 -2.27 3.43
C ASN A 237 4.45 -3.67 3.47
N ILE A 238 3.77 -4.58 4.16
CA ILE A 238 4.22 -5.96 4.25
C ILE A 238 4.14 -6.63 2.88
N ALA A 239 3.05 -6.37 2.16
CA ALA A 239 2.88 -6.90 0.82
C ALA A 239 3.94 -6.36 -0.14
N ASP A 240 4.43 -5.17 0.15
CA ASP A 240 5.50 -4.58 -0.66
C ASP A 240 6.84 -5.23 -0.35
N ILE A 241 7.10 -5.47 0.93
CA ILE A 241 8.35 -6.11 1.34
C ILE A 241 8.29 -7.62 1.15
N GLY A 242 7.26 -8.24 1.73
CA GLY A 242 7.13 -9.69 1.67
C GLY A 242 6.63 -10.22 0.34
N GLY A 243 6.14 -9.32 -0.52
CA GLY A 243 5.62 -9.73 -1.80
C GLY A 243 6.37 -9.13 -2.98
N ALA A 244 6.25 -7.81 -3.15
CA ALA A 244 6.88 -7.12 -4.26
C ALA A 244 8.41 -7.20 -4.21
N LEU A 245 8.98 -6.87 -3.05
CA LEU A 245 10.42 -6.93 -2.87
C LEU A 245 10.93 -8.37 -3.00
N ALA A 246 10.22 -9.29 -2.36
CA ALA A 246 10.61 -10.69 -2.33
C ALA A 246 10.66 -11.30 -3.73
N VAL A 247 9.60 -11.09 -4.51
CA VAL A 247 9.52 -11.61 -5.86
C VAL A 247 10.66 -11.06 -6.73
N GLY A 248 11.00 -9.80 -6.52
CA GLY A 248 12.10 -9.18 -7.24
C GLY A 248 13.44 -9.85 -6.96
N SER A 249 13.61 -10.35 -5.74
CA SER A 249 14.85 -10.99 -5.35
C SER A 249 15.03 -12.35 -6.02
N LEU A 250 13.92 -12.97 -6.41
CA LEU A 250 13.95 -14.29 -7.02
C LEU A 250 14.67 -14.24 -8.37
N PHE A 251 14.49 -13.14 -9.09
CA PHE A 251 15.09 -12.99 -10.42
C PHE A 251 16.52 -12.46 -10.35
N MET A 252 16.80 -11.66 -9.32
CA MET A 252 18.12 -11.07 -9.16
C MET A 252 18.32 -10.44 -7.78
N HIS A 253 19.56 -10.45 -7.30
CA HIS A 253 19.93 -9.76 -6.08
C HIS A 253 19.60 -8.27 -6.15
N LEU A 254 18.86 -7.78 -5.15
CA LEU A 254 18.49 -6.37 -5.08
C LEU A 254 19.54 -5.59 -4.30
N PRO A 255 20.01 -4.47 -4.85
CA PRO A 255 21.02 -3.65 -4.18
C PRO A 255 20.48 -3.04 -2.88
N ALA A 256 21.34 -2.90 -1.89
CA ALA A 256 20.95 -2.36 -0.59
C ALA A 256 20.55 -0.89 -0.70
N GLU A 257 19.45 -0.53 -0.06
CA GLU A 257 19.03 0.85 0.06
C GLU A 257 18.71 1.14 1.52
N ASN A 258 19.77 1.33 2.30
CA ASN A 258 19.66 1.47 3.74
C ASN A 258 19.11 2.82 4.20
N VAL A 259 19.29 3.85 3.37
CA VAL A 259 18.78 5.17 3.71
C VAL A 259 17.25 5.15 3.77
N GLN A 260 16.64 4.56 2.75
CA GLN A 260 15.18 4.47 2.68
C GLN A 260 14.62 3.52 3.74
N MET A 261 15.35 2.45 4.01
CA MET A 261 14.95 1.51 5.05
C MET A 261 14.96 2.18 6.42
N ALA A 262 16.03 2.91 6.71
CA ALA A 262 16.14 3.64 7.97
C ALA A 262 14.98 4.62 8.13
N VAL A 263 14.63 5.28 7.03
CA VAL A 263 13.47 6.16 7.02
C VAL A 263 12.20 5.36 7.33
N LEU A 264 12.02 4.25 6.62
CA LEU A 264 10.85 3.40 6.80
C LEU A 264 10.75 2.88 8.22
N VAL A 265 11.86 2.39 8.77
CA VAL A 265 11.90 1.88 10.13
C VAL A 265 11.48 2.95 11.14
N ILE A 266 12.03 4.16 10.99
CA ILE A 266 11.70 5.27 11.88
C ILE A 266 10.21 5.63 11.80
N MET A 267 9.69 5.71 10.59
CA MET A 267 8.28 6.00 10.38
C MET A 267 7.40 4.86 10.88
N SER A 268 7.90 3.64 10.76
CA SER A 268 7.20 2.47 11.28
C SER A 268 7.22 2.46 12.80
N LEU A 269 8.36 2.87 13.36
CA LEU A 269 8.52 2.97 14.80
C LEU A 269 7.58 4.03 15.37
N LEU A 270 7.59 5.21 14.74
CA LEU A 270 6.70 6.29 15.11
C LEU A 270 5.24 5.86 15.03
N LEU A 271 4.92 5.08 14.00
CA LEU A 271 3.57 4.56 13.81
C LEU A 271 3.14 3.68 14.98
N TYR A 272 4.03 2.81 15.43
CA TYR A 272 3.71 1.92 16.54
C TYR A 272 3.55 2.68 17.85
N LEU A 273 4.48 3.60 18.11
CA LEU A 273 4.46 4.39 19.35
C LEU A 273 3.21 5.24 19.45
N PHE A 274 2.81 5.84 18.32
CA PHE A 274 1.59 6.64 18.28
C PHE A 274 0.35 5.78 18.54
N ALA A 275 0.38 4.56 18.02
CA ALA A 275 -0.75 3.64 18.16
C ALA A 275 -0.80 3.04 19.57
N LYS A 276 0.37 2.92 20.19
CA LYS A 276 0.49 2.24 21.49
C LYS A 276 0.23 3.17 22.68
N TYR A 277 0.68 4.41 22.60
CA TYR A 277 0.64 5.31 23.75
C TYR A 277 -0.15 6.59 23.51
N SER A 278 -0.49 6.85 22.25
CA SER A 278 -1.24 8.06 21.90
CA SER A 278 -1.23 8.06 21.90
C SER A 278 -2.40 7.73 20.97
N LYS A 279 -2.56 8.53 19.93
CA LYS A 279 -3.58 8.28 18.91
C LYS A 279 -2.98 8.55 17.53
N ILE A 280 -3.72 8.19 16.49
CA ILE A 280 -3.30 8.51 15.14
C ILE A 280 -4.30 9.49 14.54
N GLY A 281 -4.09 10.77 14.86
CA GLY A 281 -4.97 11.83 14.39
C GLY A 281 -4.21 12.92 13.67
N ARG A 282 -4.59 14.17 13.93
CA ARG A 282 -4.07 15.33 13.20
C ARG A 282 -2.55 15.52 13.31
N TRP A 283 -2.07 15.85 14.50
CA TRP A 283 -0.66 16.17 14.68
C TRP A 283 0.26 14.99 14.36
N GLN A 284 -0.28 13.78 14.46
CA GLN A 284 0.46 12.60 14.03
C GLN A 284 0.47 12.54 12.51
N GLY A 285 -0.70 12.79 11.91
CA GLY A 285 -0.82 12.81 10.47
C GLY A 285 -0.04 13.95 9.84
N ILE A 286 -0.04 15.10 10.52
CA ILE A 286 0.74 16.25 10.07
C ILE A 286 2.23 15.92 10.11
N LEU A 287 2.65 15.22 11.16
CA LEU A 287 4.03 14.80 11.28
C LEU A 287 4.41 13.86 10.14
N PHE A 288 3.55 12.90 9.85
CA PHE A 288 3.77 11.94 8.77
C PHE A 288 3.94 12.65 7.43
N LEU A 289 3.02 13.58 7.14
CA LEU A 289 3.09 14.37 5.93
C LEU A 289 4.40 15.14 5.85
N ALA A 290 4.73 15.83 6.94
CA ALA A 290 5.96 16.60 7.03
C ALA A 290 7.17 15.74 6.72
N LEU A 291 7.24 14.57 7.35
CA LEU A 291 8.33 13.63 7.11
C LEU A 291 8.36 13.19 5.65
N TYR A 292 7.17 13.00 5.07
CA TYR A 292 7.06 12.61 3.67
C TYR A 292 7.54 13.72 2.75
N ILE A 293 7.24 14.97 3.11
CA ILE A 293 7.69 16.13 2.34
C ILE A 293 9.21 16.20 2.33
N ILE A 294 9.81 16.05 3.52
CA ILE A 294 11.27 16.05 3.66
C ILE A 294 11.89 14.89 2.88
N ALA A 295 11.25 13.73 2.94
CA ALA A 295 11.75 12.53 2.27
C ALA A 295 11.83 12.70 0.76
N ILE A 296 10.75 13.18 0.15
CA ILE A 296 10.71 13.35 -1.30
C ILE A 296 11.53 14.55 -1.76
N ALA A 297 12.06 15.30 -0.81
CA ALA A 297 12.86 16.49 -1.13
C ALA A 297 14.36 16.20 -1.03
N SER A 298 14.72 15.13 -0.31
CA SER A 298 16.13 14.88 -0.03
C SER A 298 16.62 13.49 -0.42
N LEU A 299 15.70 12.54 -0.61
CA LEU A 299 16.09 11.18 -0.94
C LEU A 299 16.55 11.06 -2.40
N ARG A 300 17.10 9.90 -2.74
CA ARG A 300 17.60 9.65 -4.08
C ARG A 300 17.02 8.35 -4.65
SR SR B . 0.42 -0.23 -3.78
SR SR C . 20.95 -10.16 2.48
C2 MYS D . -0.08 14.10 -3.69
C3 MYS D . -0.23 13.77 -5.18
C4 MYS D . 0.92 14.42 -5.97
C5 MYS D . 0.95 14.18 -7.51
C6 MYS D . -0.22 14.72 -8.37
C7 MYS D . -1.62 14.13 -8.09
C8 MYS D . -2.64 14.76 -9.02
C9 MYS D . -4.03 14.17 -8.74
C2 MYS E . 4.11 19.00 14.24
C3 MYS E . 4.11 17.54 14.69
C4 MYS E . 3.61 17.44 16.14
C5 MYS E . 3.63 15.97 16.56
C6 MYS E . 3.15 15.81 18.00
C7 MYS E . 3.20 14.32 18.36
C8 MYS E . 2.75 14.07 19.80
C9 MYS E . 1.31 14.55 20.00
C10 MYS E . 0.89 14.28 21.45
C11 MYS E . 0.99 12.77 21.73
C2 MYS F . -12.72 -11.77 -0.14
C3 MYS F . -12.30 -13.17 -0.58
C4 MYS F . -11.25 -13.08 -1.68
C5 MYS F . -11.83 -12.33 -2.88
C2 MYS G . 12.97 10.18 9.63
C3 MYS G . 12.01 10.75 8.58
C4 MYS G . 12.71 10.79 7.23
C5 MYS G . 13.94 11.70 7.32
C6 MYS G . 14.66 11.74 5.98
C7 MYS G . 15.89 12.65 6.10
C8 MYS G . 16.64 12.69 4.77
C9 MYS G . 17.10 11.27 4.41
C2 MYS H . 9.30 13.63 15.95
C3 MYS H . 10.02 12.35 15.51
C4 MYS H . 11.08 12.69 14.46
C5 MYS H . 11.80 11.42 14.02
C6 MYS H . 12.86 11.76 12.97
C1 MYS I . 23.65 -18.95 -2.08
C2 MYS I . 22.88 -18.49 -3.32
C3 MYS I . 23.34 -19.30 -4.55
C4 MYS I . 22.57 -18.84 -5.79
C5 MYS I . 23.04 -19.64 -7.01
C6 MYS I . 22.36 -19.33 -8.37
C7 MYS I . 20.85 -19.58 -8.51
C8 MYS I . 19.88 -18.76 -7.63
C9 MYS I . 18.48 -19.24 -7.94
C10 MYS I . 17.41 -18.52 -7.12
C11 MYS I . 16.05 -19.14 -7.48
C12 MYS I . 14.91 -18.51 -6.70
C13 MYS I . 13.59 -19.20 -7.08
C14 MYS I . 12.42 -18.58 -6.31
C15 MYS I . 11.11 -19.27 -6.69
C1 MYS J . -28.46 6.33 -12.95
C2 MYS J . -27.58 7.28 -12.13
C3 MYS J . -26.26 7.48 -12.88
C4 MYS J . -25.34 8.43 -12.10
C5 MYS J . -26.01 9.80 -11.93
C6 MYS J . -25.19 10.93 -11.22
C7 MYS J . -23.89 11.38 -11.95
C8 MYS J . -22.78 10.33 -12.09
C9 MYS J . -21.63 10.89 -12.91
C10 MYS J . -20.53 9.83 -13.01
C11 MYS J . -19.41 10.37 -13.91
C12 MYS J . -18.85 11.67 -13.35
C13 MYS J . -17.75 12.17 -14.28
C14 MYS J . -17.18 13.48 -13.76
C15 MYS J . -18.31 14.53 -13.71
O2' TOE K . -16.91 12.39 -1.35
CA' TOE K . -16.40 11.09 -1.02
CB' TOE K . -15.61 10.52 -2.20
OC' TOE K . -15.11 9.23 -1.86
CD' TOE K . -14.41 8.61 -2.95
CE' TOE K . -12.90 8.85 -2.87
OF' TOE K . -12.58 10.25 -2.91
CG' TOE K . -11.16 10.38 -2.74
CH' TOE K . -10.68 11.77 -3.20
OI' TOE K . -11.32 12.79 -2.44
CK' TOE K . -10.85 14.06 -2.88
C18 OLC L . 12.03 -13.60 13.53
C10 OLC L . 16.93 -10.42 14.40
C9 OLC L . 17.94 -11.09 13.44
C17 OLC L . 11.60 -12.13 13.52
C11 OLC L . 16.62 -8.93 14.13
C8 OLC L . 18.47 -10.15 12.36
C24 OLC L . 20.72 -12.32 5.40
C16 OLC L . 12.84 -11.26 13.70
C12 OLC L . 15.70 -8.45 15.25
C7 OLC L . 19.25 -10.92 11.29
C15 OLC L . 12.45 -9.77 13.68
C13 OLC L . 14.40 -9.25 15.19
C6 OLC L . 20.49 -11.61 11.87
C14 OLC L . 13.74 -8.95 13.84
C5 OLC L . 21.22 -12.32 10.72
C4 OLC L . 21.55 -11.26 9.66
C3 OLC L . 22.45 -10.13 10.22
C2 OLC L . 22.75 -8.98 9.20
C21 OLC L . 22.09 -10.57 6.57
C1 OLC L . 23.53 -9.21 7.88
C22 OLC L . 22.08 -12.00 6.02
O19 OLC L . 24.23 -8.28 7.47
O25 OLC L . 20.74 -13.67 4.90
O23 OLC L . 23.07 -12.09 4.99
O20 OLC L . 23.37 -10.36 7.17
C24 OLC M . -12.76 2.31 12.28
C2 OLC M . -14.37 -3.27 12.72
C21 OLC M . -12.36 -0.11 12.75
C1 OLC M . -13.93 -1.83 13.03
C22 OLC M . -13.20 0.89 11.93
O19 OLC M . -14.60 -1.12 13.78
O25 OLC M . -13.55 3.24 11.53
O23 OLC M . -13.01 0.67 10.54
O20 OLC M . -12.75 -1.45 12.44
#